data_5VJ2
#
_entry.id   5VJ2
#
_cell.length_a   44.977
_cell.length_b   100.682
_cell.length_c   122.500
_cell.angle_alpha   90.00
_cell.angle_beta   90.00
_cell.angle_gamma   90.00
#
_symmetry.space_group_name_H-M   'C 2 2 21'
#
loop_
_entity.id
_entity.type
_entity.pdbx_description
1 polymer 'Non-structural protein 1'
2 non-polymer '1,4-DIETHYLENE DIOXIDE'
3 non-polymer 'CHLORIDE ION'
4 non-polymer GLYCEROL
5 water water
#
_entity_poly.entity_id   1
_entity_poly.type   'polypeptide(L)'
_entity_poly.pdbx_seq_one_letter_code
;GHMGSNSLSMIKVRLQNLFDNDEVALLKITCYTDKLIHLTNALAKAVIHTIKLNGIVFVHVITSSDICPNNNIVVKSNFT
TMPVLQNGGYIWEMMELTHCSQPNGLIDDNCEIKFSKKLSDSTMTNYMNQLSELLGFDLNP
;
_entity_poly.pdbx_strand_id   A,B
#
loop_
_chem_comp.id
_chem_comp.type
_chem_comp.name
_chem_comp.formula
CL non-polymer 'CHLORIDE ION' 'Cl -1'
DIO non-polymer '1,4-DIETHYLENE DIOXIDE' 'C4 H8 O2'
GOL non-polymer GLYCEROL 'C3 H8 O3'
#
# COMPACT_ATOMS: atom_id res chain seq x y z
N SER A 7 -16.79 -31.24 -9.60
CA SER A 7 -15.39 -31.06 -9.15
C SER A 7 -15.00 -29.64 -8.76
N LEU A 8 -15.96 -28.70 -8.67
CA LEU A 8 -15.70 -27.31 -8.26
C LEU A 8 -16.17 -27.06 -6.82
N SER A 9 -15.43 -26.23 -6.10
CA SER A 9 -15.83 -25.74 -4.77
C SER A 9 -15.86 -24.21 -4.77
N MET A 10 -16.62 -23.64 -3.84
CA MET A 10 -16.79 -22.19 -3.74
C MET A 10 -16.59 -21.72 -2.31
N ILE A 11 -15.83 -20.64 -2.15
CA ILE A 11 -15.63 -20.01 -0.85
C ILE A 11 -16.04 -18.56 -0.94
N LYS A 12 -16.64 -18.02 0.12
CA LYS A 12 -16.84 -16.59 0.28
C LYS A 12 -16.18 -16.10 1.56
N VAL A 13 -15.47 -14.97 1.46
CA VAL A 13 -14.75 -14.39 2.56
C VAL A 13 -15.30 -12.99 2.81
N ARG A 14 -15.78 -12.75 4.02
CA ARG A 14 -16.26 -11.44 4.44
C ARG A 14 -15.10 -10.66 5.04
N LEU A 15 -15.02 -9.39 4.65
CA LEU A 15 -13.87 -8.54 4.93
C LEU A 15 -14.31 -7.20 5.47
N GLN A 16 -13.49 -6.60 6.32
CA GLN A 16 -13.66 -5.20 6.70
C GLN A 16 -12.35 -4.42 6.60
N ASN A 17 -12.45 -3.17 6.18
CA ASN A 17 -11.31 -2.29 5.93
C ASN A 17 -10.66 -1.96 7.28
N LEU A 18 -9.36 -2.25 7.41
CA LEU A 18 -8.63 -2.01 8.65
C LEU A 18 -8.48 -0.52 9.00
N PHE A 19 -8.53 0.35 7.99
CA PHE A 19 -8.48 1.80 8.20
C PHE A 19 -9.86 2.44 8.38
N ASP A 20 -10.94 1.71 8.09
CA ASP A 20 -12.32 2.21 8.25
C ASP A 20 -13.31 1.04 8.30
N ASN A 21 -13.64 0.60 9.52
CA ASN A 21 -14.45 -0.60 9.73
C ASN A 21 -15.88 -0.54 9.17
N ASP A 22 -16.37 0.67 8.89
CA ASP A 22 -17.66 0.85 8.21
C ASP A 22 -17.67 0.32 6.77
N GLU A 23 -16.49 0.24 6.13
CA GLU A 23 -16.37 -0.28 4.76
C GLU A 23 -16.11 -1.78 4.78
N VAL A 24 -16.98 -2.53 4.09
CA VAL A 24 -16.91 -4.00 4.07
C VAL A 24 -16.87 -4.53 2.64
N ALA A 25 -16.49 -5.80 2.52
CA ALA A 25 -16.34 -6.43 1.22
C ALA A 25 -16.59 -7.91 1.30
N LEU A 26 -16.95 -8.49 0.16
CA LEU A 26 -17.18 -9.91 0.02
C LEU A 26 -16.35 -10.42 -1.14
N LEU A 27 -15.49 -11.40 -0.87
CA LEU A 27 -14.64 -12.03 -1.87
C LEU A 27 -15.13 -13.45 -2.11
N LYS A 28 -15.62 -13.74 -3.31
CA LYS A 28 -16.06 -15.09 -3.69
C LYS A 28 -15.04 -15.70 -4.63
N ILE A 29 -14.62 -16.94 -4.34
CA ILE A 29 -13.63 -17.64 -5.16
C ILE A 29 -14.16 -19.04 -5.48
N THR A 30 -14.04 -19.46 -6.74
CA THR A 30 -14.25 -20.85 -7.10
C THR A 30 -12.92 -21.47 -7.51
N CYS A 31 -12.76 -22.74 -7.15
CA CYS A 31 -11.57 -23.50 -7.50
C CYS A 31 -11.94 -24.96 -7.62
N TYR A 32 -11.05 -25.77 -8.21
CA TYR A 32 -11.25 -27.21 -8.26
C TYR A 32 -11.11 -27.78 -6.85
N THR A 33 -12.00 -28.71 -6.51
CA THR A 33 -12.12 -29.23 -5.15
C THR A 33 -10.82 -29.82 -4.59
N ASP A 34 -10.01 -30.43 -5.45
CA ASP A 34 -8.69 -30.95 -5.06
C ASP A 34 -7.64 -29.89 -4.69
N LYS A 35 -7.86 -28.64 -5.11
CA LYS A 35 -7.00 -27.50 -4.74
C LYS A 35 -7.52 -26.71 -3.54
N LEU A 36 -8.74 -27.01 -3.09
CA LEU A 36 -9.44 -26.24 -2.04
C LEU A 36 -8.64 -26.10 -0.75
N ILE A 37 -7.96 -27.18 -0.36
CA ILE A 37 -7.16 -27.19 0.87
C ILE A 37 -5.99 -26.21 0.81
N HIS A 38 -5.36 -26.07 -0.35
CA HIS A 38 -4.26 -25.12 -0.53
C HIS A 38 -4.76 -23.69 -0.46
N LEU A 39 -5.94 -23.45 -1.02
CA LEU A 39 -6.59 -22.14 -0.97
C LEU A 39 -6.95 -21.72 0.47
N THR A 40 -7.58 -22.63 1.22
CA THR A 40 -8.00 -22.33 2.60
C THR A 40 -6.80 -22.17 3.55
N ASN A 41 -5.78 -23.01 3.39
CA ASN A 41 -4.54 -22.90 4.17
C ASN A 41 -3.83 -21.59 3.90
N ALA A 42 -3.77 -21.20 2.63
CA ALA A 42 -3.17 -19.94 2.23
C ALA A 42 -3.90 -18.75 2.84
N LEU A 43 -5.24 -18.76 2.71
CA LEU A 43 -6.08 -17.68 3.26
C LEU A 43 -6.05 -17.60 4.78
N ALA A 44 -5.88 -18.75 5.44
CA ALA A 44 -5.77 -18.80 6.90
C ALA A 44 -4.57 -18.00 7.46
N LYS A 45 -3.48 -17.94 6.69
CA LYS A 45 -2.26 -17.28 7.12
C LYS A 45 -1.96 -16.02 6.30
N ALA A 46 -3.00 -15.35 5.82
CA ALA A 46 -2.86 -14.33 4.78
C ALA A 46 -3.17 -12.91 5.25
N VAL A 47 -2.45 -11.95 4.65
CA VAL A 47 -2.83 -10.55 4.63
C VAL A 47 -3.55 -10.29 3.29
N ILE A 48 -4.66 -9.56 3.34
CA ILE A 48 -5.47 -9.27 2.13
C ILE A 48 -5.34 -7.80 1.77
N HIS A 49 -4.79 -7.54 0.60
CA HIS A 49 -4.54 -6.18 0.11
C HIS A 49 -5.18 -6.09 -1.26
N THR A 50 -5.98 -5.04 -1.50
CA THR A 50 -6.62 -4.85 -2.80
C THR A 50 -6.23 -3.54 -3.45
N ILE A 51 -6.29 -3.52 -4.78
CA ILE A 51 -6.03 -2.33 -5.57
C ILE A 51 -7.21 -2.15 -6.52
N LYS A 52 -7.76 -0.94 -6.57
CA LYS A 52 -8.87 -0.61 -7.47
C LYS A 52 -8.52 0.60 -8.32
N LEU A 53 -8.61 0.45 -9.64
CA LEU A 53 -8.63 1.58 -10.58
C LEU A 53 -9.78 1.37 -11.56
N ASN A 54 -10.91 2.02 -11.28
CA ASN A 54 -12.15 1.87 -12.07
C ASN A 54 -12.59 0.38 -12.13
N GLY A 55 -12.74 -0.19 -13.33
CA GLY A 55 -13.12 -1.59 -13.48
C GLY A 55 -12.04 -2.63 -13.16
N ILE A 56 -10.80 -2.20 -13.00
CA ILE A 56 -9.70 -3.12 -12.72
C ILE A 56 -9.52 -3.27 -11.21
N VAL A 57 -9.61 -4.51 -10.72
CA VAL A 57 -9.43 -4.83 -9.30
C VAL A 57 -8.45 -5.99 -9.14
N PHE A 58 -7.44 -5.80 -8.30
CA PHE A 58 -6.47 -6.84 -7.95
C PHE A 58 -6.61 -7.18 -6.48
N VAL A 59 -6.66 -8.46 -6.17
CA VAL A 59 -6.74 -8.94 -4.80
C VAL A 59 -5.44 -9.68 -4.52
N HIS A 60 -4.61 -9.12 -3.64
CA HIS A 60 -3.34 -9.74 -3.25
C HIS A 60 -3.54 -10.51 -1.97
N VAL A 61 -3.25 -11.81 -2.05
CA VAL A 61 -3.29 -12.72 -0.92
C VAL A 61 -1.84 -13.03 -0.58
N ILE A 62 -1.35 -12.39 0.49
CA ILE A 62 0.04 -12.46 0.89
C ILE A 62 0.08 -13.41 2.07
N THR A 63 0.65 -14.60 1.86
CA THR A 63 0.51 -15.70 2.81
C THR A 63 1.84 -16.14 3.39
N SER A 64 1.79 -16.61 4.64
CA SER A 64 2.94 -17.23 5.31
C SER A 64 2.80 -18.75 5.39
N SER A 65 1.87 -19.33 4.64
CA SER A 65 1.68 -20.78 4.58
C SER A 65 2.87 -21.43 3.88
N ASP A 66 3.13 -22.69 4.20
CA ASP A 66 4.26 -23.43 3.59
C ASP A 66 4.13 -23.49 2.07
N ILE A 67 2.93 -23.80 1.59
CA ILE A 67 2.61 -23.79 0.17
C ILE A 67 1.90 -22.47 -0.17
N CYS A 68 2.55 -21.65 -1.00
CA CYS A 68 1.89 -20.52 -1.64
C CYS A 68 1.31 -21.04 -2.95
N PRO A 69 -0.03 -21.05 -3.09
CA PRO A 69 -0.58 -21.66 -4.32
C PRO A 69 -0.30 -20.85 -5.60
N ASN A 70 -0.41 -21.53 -6.73
CA ASN A 70 -0.30 -20.90 -8.04
C ASN A 70 -1.57 -20.11 -8.29
N ASN A 71 -1.45 -18.99 -8.99
CA ASN A 71 -2.60 -18.16 -9.34
C ASN A 71 -3.68 -18.92 -10.14
N ASN A 72 -3.27 -19.94 -10.91
CA ASN A 72 -4.18 -20.76 -11.72
C ASN A 72 -5.15 -21.67 -10.97
N ILE A 73 -5.05 -21.76 -9.64
CA ILE A 73 -6.06 -22.51 -8.87
C ILE A 73 -7.40 -21.78 -8.79
N VAL A 74 -7.42 -20.48 -9.09
CA VAL A 74 -8.66 -19.71 -9.12
C VAL A 74 -9.33 -19.89 -10.47
N VAL A 75 -10.55 -20.43 -10.47
CA VAL A 75 -11.33 -20.55 -11.69
C VAL A 75 -12.02 -19.20 -11.94
N LYS A 76 -12.80 -18.75 -10.96
CA LYS A 76 -13.43 -17.43 -11.00
C LYS A 76 -13.33 -16.76 -9.63
N SER A 77 -13.34 -15.43 -9.66
CA SER A 77 -13.32 -14.63 -8.44
C SER A 77 -14.16 -13.37 -8.60
N ASN A 78 -14.92 -13.04 -7.56
CA ASN A 78 -15.73 -11.82 -7.53
C ASN A 78 -15.43 -11.04 -6.26
N PHE A 79 -15.28 -9.72 -6.41
CA PHE A 79 -15.05 -8.82 -5.30
C PHE A 79 -16.12 -7.72 -5.34
N THR A 80 -16.94 -7.65 -4.29
CA THR A 80 -17.99 -6.65 -4.14
C THR A 80 -17.80 -5.95 -2.81
N THR A 81 -18.02 -4.63 -2.79
CA THR A 81 -17.81 -3.82 -1.59
C THR A 81 -19.05 -3.00 -1.29
N MET A 82 -19.18 -2.60 -0.02
CA MET A 82 -20.23 -1.69 0.40
C MET A 82 -19.59 -0.72 1.41
N PRO A 83 -19.54 0.58 1.11
CA PRO A 83 -19.95 1.17 -0.16
C PRO A 83 -18.97 0.90 -1.29
N VAL A 84 -19.28 1.42 -2.47
CA VAL A 84 -18.36 1.42 -3.60
C VAL A 84 -17.17 2.29 -3.19
N LEU A 85 -15.96 1.79 -3.43
CA LEU A 85 -14.73 2.42 -2.96
C LEU A 85 -14.14 3.36 -3.99
N GLN A 86 -13.44 4.39 -3.51
CA GLN A 86 -12.62 5.21 -4.39
C GLN A 86 -11.43 4.40 -4.88
N ASN A 87 -10.86 4.85 -6.00
CA ASN A 87 -9.68 4.23 -6.57
C ASN A 87 -8.51 4.38 -5.59
N GLY A 88 -7.69 3.35 -5.49
CA GLY A 88 -6.65 3.31 -4.47
C GLY A 88 -6.34 1.91 -3.98
N GLY A 89 -5.56 1.86 -2.90
CA GLY A 89 -5.16 0.60 -2.29
C GLY A 89 -5.69 0.48 -0.87
N TYR A 90 -5.94 -0.76 -0.46
CA TYR A 90 -6.69 -1.07 0.75
C TYR A 90 -6.10 -2.31 1.39
N ILE A 91 -6.25 -2.42 2.69
CA ILE A 91 -5.86 -3.62 3.44
C ILE A 91 -7.04 -4.04 4.31
N TRP A 92 -7.32 -5.34 4.36
CA TRP A 92 -8.58 -5.88 4.90
C TRP A 92 -8.40 -6.91 5.99
N GLU A 93 -9.31 -6.92 6.97
CA GLU A 93 -9.40 -7.97 7.95
C GLU A 93 -10.41 -9.02 7.50
N MET A 94 -10.03 -10.29 7.53
CA MET A 94 -10.96 -11.40 7.27
C MET A 94 -11.84 -11.61 8.50
N MET A 95 -13.13 -11.35 8.36
CA MET A 95 -14.08 -11.54 9.44
C MET A 95 -14.74 -12.91 9.42
N GLU A 96 -14.90 -13.50 8.23
CA GLU A 96 -15.67 -14.74 8.11
C GLU A 96 -15.28 -15.49 6.84
N LEU A 97 -15.19 -16.81 6.91
CA LEU A 97 -14.92 -17.65 5.73
C LEU A 97 -15.97 -18.74 5.64
N THR A 98 -16.63 -18.82 4.50
CA THR A 98 -17.75 -19.71 4.28
C THR A 98 -17.45 -20.58 3.07
N HIS A 99 -17.75 -21.90 3.20
CA HIS A 99 -17.79 -22.89 2.12
C HIS A 99 -19.23 -23.10 1.64
N CYS A 100 -19.45 -22.95 0.33
CA CYS A 100 -20.80 -22.79 -0.22
C CYS A 100 -21.29 -24.03 -0.94
N SER A 101 -22.58 -24.33 -0.76
CA SER A 101 -23.27 -25.34 -1.54
C SER A 101 -23.68 -24.69 -2.85
N GLN A 102 -23.69 -25.51 -3.90
CA GLN A 102 -23.89 -25.03 -5.26
C GLN A 102 -22.69 -24.24 -5.76
N PRO A 103 -21.51 -24.90 -5.91
CA PRO A 103 -20.32 -24.19 -6.37
C PRO A 103 -20.42 -23.81 -7.85
N ASN A 104 -21.23 -24.54 -8.63
CA ASN A 104 -21.44 -24.22 -10.05
C ASN A 104 -22.36 -23.04 -10.33
N GLY A 105 -22.92 -22.40 -9.28
CA GLY A 105 -23.77 -21.22 -9.44
C GLY A 105 -23.10 -20.04 -10.10
N LEU A 106 -23.90 -19.04 -10.44
CA LEU A 106 -23.42 -17.88 -11.20
C LEU A 106 -22.48 -17.02 -10.36
N ILE A 107 -21.38 -16.59 -10.98
CA ILE A 107 -20.44 -15.69 -10.34
C ILE A 107 -19.95 -14.75 -11.42
N ASP A 108 -20.04 -13.44 -11.15
CA ASP A 108 -19.49 -12.43 -12.04
C ASP A 108 -17.98 -12.28 -11.79
N ASP A 109 -17.17 -12.76 -12.73
CA ASP A 109 -15.71 -12.70 -12.62
C ASP A 109 -15.22 -11.28 -12.89
N ASN A 110 -14.87 -10.53 -11.83
CA ASN A 110 -14.52 -9.11 -11.94
C ASN A 110 -13.22 -8.68 -11.24
N CYS A 111 -12.36 -9.63 -10.87
CA CYS A 111 -11.10 -9.30 -10.22
C CYS A 111 -10.06 -10.36 -10.49
N GLU A 112 -8.80 -10.02 -10.29
CA GLU A 112 -7.70 -10.97 -10.46
C GLU A 112 -7.05 -11.23 -9.11
N ILE A 113 -6.86 -12.51 -8.76
CA ILE A 113 -6.24 -12.88 -7.49
C ILE A 113 -4.76 -13.19 -7.71
N LYS A 114 -3.91 -12.59 -6.89
CA LYS A 114 -2.46 -12.76 -6.97
C LYS A 114 -1.97 -13.31 -5.64
N PHE A 115 -1.49 -14.55 -5.64
CA PHE A 115 -0.90 -15.13 -4.44
C PHE A 115 0.59 -14.82 -4.39
N SER A 116 1.10 -14.51 -3.20
CA SER A 116 2.53 -14.32 -3.01
C SER A 116 2.92 -14.66 -1.58
N LYS A 117 4.21 -14.90 -1.39
CA LYS A 117 4.76 -15.23 -0.07
C LYS A 117 5.06 -13.95 0.68
N LYS A 118 4.79 -13.96 1.98
CA LYS A 118 5.23 -12.88 2.87
C LYS A 118 6.74 -12.71 2.74
N LEU A 119 7.20 -11.47 2.69
CA LEU A 119 8.61 -11.17 2.53
C LEU A 119 9.31 -11.21 3.87
N SER A 120 10.45 -11.91 3.94
CA SER A 120 11.26 -11.98 5.16
C SER A 120 12.20 -10.77 5.33
N ASP A 121 12.38 -10.00 4.24
CA ASP A 121 13.13 -8.74 4.24
C ASP A 121 12.82 -7.83 5.44
N SER A 122 13.87 -7.30 6.07
CA SER A 122 13.73 -6.55 7.33
C SER A 122 12.98 -5.22 7.19
N THR A 123 13.12 -4.55 6.05
CA THR A 123 12.37 -3.31 5.80
C THR A 123 10.85 -3.59 5.73
N MET A 124 10.43 -4.62 5.00
CA MET A 124 9.01 -4.97 4.91
C MET A 124 8.46 -5.50 6.24
N THR A 125 9.25 -6.29 6.96
CA THR A 125 8.90 -6.77 8.29
C THR A 125 8.65 -5.59 9.25
N ASN A 126 9.55 -4.63 9.25
CA ASN A 126 9.40 -3.42 10.06
C ASN A 126 8.15 -2.62 9.65
N TYR A 127 7.89 -2.53 8.35
CA TYR A 127 6.69 -1.87 7.84
C TYR A 127 5.42 -2.58 8.34
N MET A 128 5.37 -3.90 8.21
CA MET A 128 4.19 -4.66 8.64
CA MET A 128 4.19 -4.66 8.64
C MET A 128 4.00 -4.59 10.16
N ASN A 129 5.10 -4.64 10.92
CA ASN A 129 5.02 -4.55 12.39
C ASN A 129 4.52 -3.18 12.89
N GLN A 130 5.01 -2.10 12.28
CA GLN A 130 4.56 -0.75 12.64
C GLN A 130 3.10 -0.51 12.24
N LEU A 131 2.71 -1.04 11.07
CA LEU A 131 1.32 -0.96 10.62
C LEU A 131 0.38 -1.73 11.56
N SER A 132 0.83 -2.90 12.02
CA SER A 132 0.10 -3.69 13.01
C SER A 132 -0.15 -2.92 14.30
N GLU A 133 0.89 -2.23 14.78
CA GLU A 133 0.77 -1.37 15.97
C GLU A 133 -0.16 -0.19 15.73
N LEU A 134 -0.08 0.44 14.56
CA LEU A 134 -0.97 1.57 14.23
C LEU A 134 -2.44 1.14 14.20
N LEU A 135 -2.72 0.01 13.57
CA LEU A 135 -4.11 -0.44 13.36
C LEU A 135 -4.66 -1.28 14.53
N GLY A 136 -3.79 -1.71 15.45
CA GLY A 136 -4.22 -2.60 16.54
C GLY A 136 -4.68 -3.97 16.06
N PHE A 137 -3.99 -4.49 15.05
CA PHE A 137 -4.31 -5.79 14.47
C PHE A 137 -3.02 -6.41 13.98
N ASP A 138 -2.78 -7.67 14.33
CA ASP A 138 -1.52 -8.33 14.04
C ASP A 138 -1.50 -8.85 12.59
N LEU A 139 -0.81 -8.11 11.72
CA LEU A 139 -0.63 -8.53 10.33
C LEU A 139 0.51 -9.53 10.15
N ASN A 140 1.35 -9.70 11.17
CA ASN A 140 2.50 -10.60 11.12
C ASN A 140 2.57 -11.42 12.42
N PRO A 141 1.58 -12.32 12.64
CA PRO A 141 1.52 -13.09 13.89
C PRO A 141 2.54 -14.23 13.95
N SER B 7 21.87 28.29 8.12
CA SER B 7 22.08 26.98 8.82
C SER B 7 20.99 25.94 8.48
N LEU B 8 19.74 26.39 8.42
CA LEU B 8 18.59 25.54 8.04
C LEU B 8 18.11 25.85 6.63
N SER B 9 17.68 24.81 5.91
CA SER B 9 17.04 24.94 4.60
C SER B 9 15.65 24.30 4.63
N MET B 10 14.82 24.67 3.67
CA MET B 10 13.48 24.10 3.50
C MET B 10 13.30 23.57 2.08
N ILE B 11 12.69 22.39 2.00
CA ILE B 11 12.24 21.76 0.77
C ILE B 11 10.72 21.71 0.80
N LYS B 12 10.09 22.02 -0.32
CA LYS B 12 8.64 21.85 -0.48
C LYS B 12 8.44 20.97 -1.72
N VAL B 13 7.60 19.94 -1.56
CA VAL B 13 7.33 19.01 -2.64
C VAL B 13 5.83 19.02 -2.88
N ARG B 14 5.44 19.35 -4.12
CA ARG B 14 4.04 19.32 -4.52
C ARG B 14 3.75 17.94 -5.10
N LEU B 15 2.62 17.38 -4.70
CA LEU B 15 2.28 16.00 -4.95
C LEU B 15 0.86 15.88 -5.49
N GLN B 16 0.63 14.87 -6.33
CA GLN B 16 -0.72 14.48 -6.67
C GLN B 16 -0.91 12.97 -6.57
N ASN B 17 -2.10 12.57 -6.13
CA ASN B 17 -2.44 11.18 -5.89
C ASN B 17 -2.48 10.43 -7.23
N LEU B 18 -1.69 9.37 -7.35
CA LEU B 18 -1.63 8.59 -8.59
C LEU B 18 -2.92 7.86 -8.94
N PHE B 19 -3.74 7.55 -7.94
CA PHE B 19 -5.04 6.91 -8.16
C PHE B 19 -6.19 7.91 -8.34
N ASP B 20 -5.97 9.19 -8.04
CA ASP B 20 -6.98 10.24 -8.17
C ASP B 20 -6.31 11.63 -8.23
N ASN B 21 -6.07 12.10 -9.44
CA ASN B 21 -5.31 13.34 -9.66
C ASN B 21 -5.97 14.62 -9.12
N ASP B 22 -7.28 14.56 -8.82
CA ASP B 22 -7.97 15.65 -8.13
C ASP B 22 -7.47 15.90 -6.71
N GLU B 23 -6.88 14.88 -6.07
CA GLU B 23 -6.32 15.00 -4.72
C GLU B 23 -4.84 15.39 -4.78
N VAL B 24 -4.50 16.49 -4.10
CA VAL B 24 -3.11 16.99 -4.10
C VAL B 24 -2.60 17.21 -2.68
N ALA B 25 -1.28 17.34 -2.57
CA ALA B 25 -0.64 17.47 -1.27
C ALA B 25 0.64 18.30 -1.37
N LEU B 26 1.03 18.86 -0.23
CA LEU B 26 2.25 19.62 -0.09
C LEU B 26 3.04 19.03 1.07
N LEU B 27 4.28 18.62 0.80
CA LEU B 27 5.20 18.13 1.82
C LEU B 27 6.30 19.17 2.04
N LYS B 28 6.37 19.72 3.25
CA LYS B 28 7.44 20.65 3.62
C LYS B 28 8.39 19.95 4.58
N ILE B 29 9.69 20.02 4.29
CA ILE B 29 10.72 19.44 5.14
C ILE B 29 11.77 20.49 5.43
N THR B 30 12.19 20.61 6.68
CA THR B 30 13.36 21.43 7.03
C THR B 30 14.50 20.51 7.44
N CYS B 31 15.71 20.88 7.05
CA CYS B 31 16.91 20.15 7.41
C CYS B 31 18.08 21.14 7.47
N TYR B 32 19.19 20.69 8.04
CA TYR B 32 20.41 21.51 8.06
C TYR B 32 20.96 21.60 6.64
N THR B 33 21.40 22.80 6.27
CA THR B 33 21.81 23.11 4.90
C THR B 33 22.92 22.19 4.35
N ASP B 34 23.81 21.74 5.21
CA ASP B 34 24.85 20.77 4.84
C ASP B 34 24.36 19.37 4.48
N LYS B 35 23.14 19.01 4.93
CA LYS B 35 22.50 17.74 4.57
C LYS B 35 21.56 17.84 3.36
N LEU B 36 21.28 19.07 2.91
CA LEU B 36 20.27 19.35 1.89
C LEU B 36 20.46 18.55 0.59
N ILE B 37 21.72 18.37 0.18
CA ILE B 37 22.03 17.66 -1.07
C ILE B 37 21.63 16.17 -0.98
N HIS B 38 21.84 15.54 0.18
CA HIS B 38 21.44 14.15 0.39
C HIS B 38 19.91 14.00 0.36
N LEU B 39 19.23 14.98 0.95
CA LEU B 39 17.77 15.01 0.95
C LEU B 39 17.18 15.15 -0.46
N THR B 40 17.70 16.10 -1.24
CA THR B 40 17.21 16.33 -2.61
C THR B 40 17.52 15.18 -3.56
N ASN B 41 18.73 14.61 -3.43
CA ASN B 41 19.11 13.42 -4.22
C ASN B 41 18.22 12.23 -3.90
N ALA B 42 17.94 12.03 -2.62
CA ALA B 42 17.05 10.95 -2.17
C ALA B 42 15.65 11.12 -2.74
N LEU B 43 15.10 12.33 -2.60
CA LEU B 43 13.75 12.64 -3.10
C LEU B 43 13.65 12.58 -4.63
N ALA B 44 14.74 12.90 -5.33
CA ALA B 44 14.77 12.81 -6.79
C ALA B 44 14.55 11.39 -7.33
N LYS B 45 14.97 10.38 -6.57
CA LYS B 45 14.88 8.98 -6.98
C LYS B 45 13.87 8.20 -6.13
N ALA B 46 12.83 8.88 -5.64
CA ALA B 46 11.97 8.34 -4.60
C ALA B 46 10.54 8.06 -5.07
N VAL B 47 9.97 7.02 -4.48
CA VAL B 47 8.53 6.77 -4.48
C VAL B 47 8.01 7.31 -3.14
N ILE B 48 6.88 8.03 -3.18
CA ILE B 48 6.30 8.66 -1.99
C ILE B 48 5.00 7.95 -1.64
N HIS B 49 4.97 7.34 -0.46
CA HIS B 49 3.84 6.56 0.02
C HIS B 49 3.50 7.12 1.39
N THR B 50 2.22 7.42 1.62
CA THR B 50 1.77 7.94 2.91
C THR B 50 0.73 7.06 3.55
N ILE B 51 0.69 7.09 4.88
CA ILE B 51 -0.30 6.39 5.68
C ILE B 51 -0.94 7.39 6.63
N LYS B 52 -2.26 7.42 6.67
CA LYS B 52 -3.00 8.32 7.55
C LYS B 52 -3.98 7.51 8.41
N LEU B 53 -3.89 7.67 9.73
CA LEU B 53 -4.95 7.27 10.66
C LEU B 53 -5.20 8.44 11.62
N ASN B 54 -6.22 9.23 11.33
CA ASN B 54 -6.55 10.45 12.09
C ASN B 54 -5.33 11.42 12.15
N GLY B 55 -4.87 11.78 13.35
CA GLY B 55 -3.72 12.66 13.51
C GLY B 55 -2.35 12.05 13.22
N ILE B 56 -2.27 10.74 13.07
CA ILE B 56 -1.00 10.07 12.79
C ILE B 56 -0.80 9.94 11.28
N VAL B 57 0.30 10.53 10.79
CA VAL B 57 0.66 10.50 9.39
C VAL B 57 2.11 10.06 9.23
N PHE B 58 2.34 9.05 8.40
CA PHE B 58 3.68 8.59 8.06
C PHE B 58 3.92 8.85 6.58
N VAL B 59 5.08 9.43 6.27
CA VAL B 59 5.49 9.68 4.91
C VAL B 59 6.68 8.76 4.66
N HIS B 60 6.50 7.78 3.78
CA HIS B 60 7.57 6.86 3.41
C HIS B 60 8.22 7.35 2.12
N VAL B 61 9.52 7.59 2.21
CA VAL B 61 10.33 8.02 1.09
C VAL B 61 11.20 6.83 0.73
N ILE B 62 10.82 6.13 -0.33
CA ILE B 62 11.44 4.88 -0.74
C ILE B 62 12.31 5.25 -1.92
N THR B 63 13.63 5.22 -1.70
CA THR B 63 14.58 5.82 -2.65
C THR B 63 15.53 4.77 -3.25
N SER B 64 15.95 5.02 -4.49
CA SER B 64 16.98 4.22 -5.16
C SER B 64 18.31 4.97 -5.24
N SER B 65 18.45 6.07 -4.49
CA SER B 65 19.70 6.82 -4.46
C SER B 65 20.80 6.02 -3.77
N ASP B 66 22.05 6.33 -4.11
CA ASP B 66 23.21 5.64 -3.52
C ASP B 66 23.23 5.78 -2.01
N ILE B 67 22.98 6.99 -1.52
CA ILE B 67 22.85 7.27 -0.09
C ILE B 67 21.37 7.36 0.27
N CYS B 68 20.91 6.42 1.10
CA CYS B 68 19.59 6.55 1.72
C CYS B 68 19.83 7.29 3.03
N PRO B 69 19.27 8.51 3.18
CA PRO B 69 19.60 9.28 4.38
C PRO B 69 19.00 8.71 5.67
N ASN B 70 19.58 9.11 6.79
CA ASN B 70 19.08 8.76 8.11
C ASN B 70 17.84 9.60 8.36
N ASN B 71 16.87 9.03 9.09
CA ASN B 71 15.65 9.76 9.45
C ASN B 71 15.93 11.07 10.23
N ASN B 72 17.04 11.12 10.98
CA ASN B 72 17.42 12.30 11.78
C ASN B 72 17.87 13.54 10.99
N ILE B 73 17.97 13.46 9.66
CA ILE B 73 18.23 14.69 8.87
C ILE B 73 17.02 15.61 8.77
N VAL B 74 15.82 15.10 9.10
CA VAL B 74 14.63 15.93 9.15
C VAL B 74 14.54 16.64 10.49
N VAL B 75 14.54 17.98 10.45
CA VAL B 75 14.33 18.77 11.66
C VAL B 75 12.82 18.85 11.92
N LYS B 76 12.08 19.35 10.93
CA LYS B 76 10.61 19.36 10.98
C LYS B 76 10.02 18.95 9.65
N SER B 77 8.81 18.42 9.67
CA SER B 77 8.10 18.05 8.45
C SER B 77 6.60 18.29 8.59
N ASN B 78 6.00 18.85 7.54
CA ASN B 78 4.56 19.10 7.50
C ASN B 78 3.97 18.50 6.23
N PHE B 79 2.84 17.83 6.38
CA PHE B 79 2.10 17.24 5.27
C PHE B 79 0.67 17.78 5.30
N THR B 80 0.28 18.49 4.23
CA THR B 80 -1.07 19.06 4.09
C THR B 80 -1.64 18.59 2.75
N THR B 81 -2.93 18.28 2.73
CA THR B 81 -3.60 17.78 1.56
C THR B 81 -4.85 18.60 1.25
N MET B 82 -5.28 18.57 0.00
CA MET B 82 -6.52 19.18 -0.44
C MET B 82 -7.17 18.23 -1.44
N PRO B 83 -8.34 17.66 -1.15
CA PRO B 83 -9.05 17.81 0.13
C PRO B 83 -8.42 17.02 1.26
N VAL B 84 -9.02 17.10 2.44
CA VAL B 84 -8.67 16.27 3.58
C VAL B 84 -8.98 14.82 3.17
N LEU B 85 -8.03 13.93 3.43
CA LEU B 85 -8.13 12.54 2.98
C LEU B 85 -8.75 11.64 4.03
N GLN B 86 -9.41 10.58 3.55
CA GLN B 86 -9.86 9.51 4.44
C GLN B 86 -8.63 8.75 4.95
N ASN B 87 -8.82 8.05 6.06
CA ASN B 87 -7.78 7.20 6.64
C ASN B 87 -7.45 6.08 5.66
N GLY B 88 -6.18 5.73 5.55
CA GLY B 88 -5.73 4.75 4.56
C GLY B 88 -4.32 4.99 4.07
N GLY B 89 -3.96 4.31 2.99
CA GLY B 89 -2.65 4.43 2.38
C GLY B 89 -2.75 4.97 0.96
N TYR B 90 -1.71 5.69 0.56
CA TYR B 90 -1.71 6.49 -0.65
C TYR B 90 -0.34 6.45 -1.29
N ILE B 91 -0.30 6.63 -2.60
CA ILE B 91 0.96 6.74 -3.34
C ILE B 91 0.87 7.98 -4.23
N TRP B 92 1.96 8.76 -4.27
CA TRP B 92 1.93 10.12 -4.83
C TRP B 92 2.96 10.36 -5.93
N GLU B 93 2.58 11.17 -6.91
CA GLU B 93 3.51 11.63 -7.94
C GLU B 93 4.06 13.00 -7.53
N MET B 94 5.39 13.14 -7.57
CA MET B 94 6.03 14.43 -7.35
C MET B 94 5.85 15.30 -8.60
N MET B 95 5.12 16.40 -8.44
CA MET B 95 4.90 17.35 -9.51
C MET B 95 5.92 18.48 -9.50
N GLU B 96 6.44 18.83 -8.33
CA GLU B 96 7.36 19.95 -8.20
C GLU B 96 8.19 19.80 -6.95
N LEU B 97 9.48 20.13 -7.04
CA LEU B 97 10.37 20.10 -5.88
C LEU B 97 11.12 21.42 -5.80
N THR B 98 10.98 22.09 -4.66
CA THR B 98 11.51 23.43 -4.47
C THR B 98 12.40 23.43 -3.24
N HIS B 99 13.56 24.04 -3.28
CA HIS B 99 14.26 24.33 -2.02
C HIS B 99 14.55 25.80 -1.92
N CYS B 100 14.26 26.35 -0.74
CA CYS B 100 14.62 27.70 -0.35
C CYS B 100 15.78 27.65 0.65
N SER B 101 16.78 28.52 0.47
CA SER B 101 17.68 28.90 1.56
C SER B 101 16.97 30.01 2.31
N GLN B 102 17.08 30.04 3.64
CA GLN B 102 16.35 31.00 4.44
C GLN B 102 14.86 30.66 4.51
N PRO B 103 14.53 29.56 5.22
CA PRO B 103 13.13 29.32 5.61
C PRO B 103 12.56 30.42 6.51
N ASN B 104 11.40 30.93 6.12
CA ASN B 104 10.84 32.16 6.70
C ASN B 104 10.26 32.04 8.10
N GLY B 105 10.10 30.81 8.60
CA GLY B 105 9.65 30.59 9.98
C GLY B 105 9.30 29.15 10.29
N LEU B 106 8.89 28.92 11.53
CA LEU B 106 8.54 27.59 12.00
C LEU B 106 7.29 27.05 11.33
N ILE B 107 7.36 25.78 10.92
CA ILE B 107 6.21 25.06 10.35
C ILE B 107 5.55 24.16 11.40
N ASP B 108 4.33 23.72 11.09
CA ASP B 108 3.57 22.84 11.96
C ASP B 108 4.03 21.39 11.74
N ASP B 109 4.76 20.84 12.71
CA ASP B 109 5.31 19.49 12.60
C ASP B 109 4.21 18.47 12.87
N ASN B 110 3.68 17.83 11.81
CA ASN B 110 2.50 16.95 11.92
C ASN B 110 2.64 15.59 11.23
N CYS B 111 3.86 15.17 10.88
CA CYS B 111 4.06 13.86 10.25
C CYS B 111 5.45 13.34 10.55
N GLU B 112 5.64 12.04 10.36
CA GLU B 112 6.95 11.40 10.57
C GLU B 112 7.46 10.88 9.23
N ILE B 113 8.70 11.22 8.88
CA ILE B 113 9.30 10.80 7.62
C ILE B 113 10.18 9.58 7.85
N LYS B 114 9.97 8.55 7.04
CA LYS B 114 10.74 7.31 7.13
C LYS B 114 11.45 7.08 5.79
N PHE B 115 12.77 7.17 5.79
CA PHE B 115 13.54 6.86 4.58
C PHE B 115 13.86 5.38 4.53
N SER B 116 13.78 4.77 3.36
CA SER B 116 14.20 3.39 3.16
C SER B 116 14.65 3.18 1.73
N LYS B 117 15.40 2.09 1.52
CA LYS B 117 15.91 1.73 0.21
C LYS B 117 14.85 0.93 -0.53
N LYS B 118 14.72 1.19 -1.83
CA LYS B 118 13.90 0.35 -2.70
C LYS B 118 14.37 -1.10 -2.60
N LEU B 119 13.41 -2.03 -2.53
CA LEU B 119 13.72 -3.44 -2.37
C LEU B 119 14.03 -4.07 -3.73
N SER B 120 15.12 -4.81 -3.79
CA SER B 120 15.51 -5.56 -5.00
C SER B 120 14.80 -6.92 -5.11
N ASP B 121 14.17 -7.35 -4.03
CA ASP B 121 13.28 -8.54 -3.99
C ASP B 121 12.35 -8.65 -5.20
N SER B 122 12.27 -9.85 -5.80
CA SER B 122 11.53 -10.09 -7.04
C SER B 122 10.01 -9.85 -6.94
N THR B 123 9.43 -10.21 -5.79
CA THR B 123 8.00 -9.99 -5.56
C THR B 123 7.67 -8.48 -5.53
N MET B 124 8.46 -7.70 -4.80
CA MET B 124 8.23 -6.23 -4.74
C MET B 124 8.51 -5.53 -6.07
N THR B 125 9.57 -5.98 -6.77
CA THR B 125 9.86 -5.48 -8.11
C THR B 125 8.71 -5.72 -9.08
N ASN B 126 8.17 -6.94 -9.07
CA ASN B 126 7.02 -7.27 -9.89
C ASN B 126 5.77 -6.44 -9.51
N TYR B 127 5.57 -6.23 -8.20
CA TYR B 127 4.49 -5.38 -7.71
C TYR B 127 4.63 -3.95 -8.22
N MET B 128 5.83 -3.37 -8.09
CA MET B 128 6.05 -2.00 -8.53
CA MET B 128 6.09 -2.00 -8.54
C MET B 128 5.92 -1.87 -10.05
N ASN B 129 6.42 -2.85 -10.80
CA ASN B 129 6.32 -2.82 -12.27
C ASN B 129 4.88 -2.92 -12.79
N GLN B 130 4.09 -3.81 -12.18
CA GLN B 130 2.67 -3.94 -12.57
C GLN B 130 1.85 -2.72 -12.18
N LEU B 131 2.16 -2.14 -11.02
CA LEU B 131 1.50 -0.90 -10.56
C LEU B 131 1.83 0.25 -11.51
N SER B 132 3.08 0.32 -11.96
CA SER B 132 3.51 1.32 -12.95
C SER B 132 2.70 1.22 -14.23
N GLU B 133 2.51 0.00 -14.72
CA GLU B 133 1.69 -0.24 -15.90
C GLU B 133 0.22 0.11 -15.68
N LEU B 134 -0.32 -0.23 -14.51
CA LEU B 134 -1.71 0.11 -14.18
C LEU B 134 -1.95 1.63 -14.15
N LEU B 135 -1.04 2.37 -13.51
CA LEU B 135 -1.20 3.80 -13.31
C LEU B 135 -0.65 4.66 -14.46
N GLY B 136 0.10 4.05 -15.38
CA GLY B 136 0.72 4.79 -16.48
C GLY B 136 1.79 5.77 -16.02
N PHE B 137 2.57 5.36 -15.02
CA PHE B 137 3.62 6.19 -14.45
C PHE B 137 4.72 5.26 -13.95
N ASP B 138 5.97 5.56 -14.29
CA ASP B 138 7.07 4.69 -13.97
C ASP B 138 7.54 4.89 -12.52
N LEU B 139 7.13 3.98 -11.64
CA LEU B 139 7.59 3.99 -10.25
C LEU B 139 8.96 3.36 -10.05
N ASN B 140 9.44 2.61 -11.05
CA ASN B 140 10.69 1.89 -10.97
C ASN B 140 11.47 2.09 -12.29
N PRO B 141 11.96 3.31 -12.55
CA PRO B 141 12.68 3.60 -13.79
C PRO B 141 14.11 3.05 -13.81
C1 DIO C . -1.13 0.97 1.85
C2 DIO C . -1.75 -0.40 3.66
C1' DIO C . -2.58 1.02 1.38
C2' DIO C . -3.21 -0.28 3.22
O1 DIO C . -0.89 -0.26 2.52
O1' DIO C . -3.43 0.93 2.51
C1 DIO D . -0.86 2.89 -3.15
C2 DIO D . 0.17 0.92 -2.29
C1' DIO D . -2.19 2.51 -2.54
C2' DIO D . -1.20 0.45 -1.82
O1 DIO D . -0.03 1.75 -3.43
O1' DIO D . -1.99 1.59 -1.47
C1 DIO E . 8.02 1.09 3.10
C2 DIO E . 8.70 -1.26 3.18
C1' DIO E . 7.27 0.77 1.81
C2' DIO E . 8.14 -1.41 1.78
O1 DIO E . 9.01 0.12 3.47
O1' DIO E . 6.96 -0.62 1.70
C1 DIO F . -1.31 -4.35 -10.41
C2 DIO F . 0.22 -3.94 -8.65
C1' DIO F . -1.14 -5.86 -10.19
C2' DIO F . 0.38 -5.44 -8.43
O1 DIO F . -0.12 -3.68 -10.01
O1' DIO F . -0.83 -6.10 -8.82
CL CL G . 0.29 -24.37 6.26
CL CL H . 9.44 0.89 7.37
C1 GOL I . -11.21 -16.04 10.55
O1 GOL I . -11.86 -16.95 11.44
C2 GOL I . -11.18 -16.63 9.14
O2 GOL I . -11.70 -15.68 8.21
C3 GOL I . -9.74 -17.02 8.76
O3 GOL I . -9.74 -17.88 7.61
C1 DIO J . 4.63 -7.04 -2.87
C2 DIO J . 3.27 -6.02 -1.21
C1' DIO J . 3.51 -8.03 -3.21
C2' DIO J . 2.21 -7.09 -1.42
O1 DIO J . 4.54 -6.59 -1.52
O1' DIO J . 2.23 -7.57 -2.77
CL CL K . -2.25 21.34 -0.28
CL CL L . -4.91 7.51 15.49
C1 GOL M . 2.76 -11.06 -8.00
O1 GOL M . 1.95 -11.06 -9.18
C2 GOL M . 2.27 -10.01 -7.03
O2 GOL M . 2.70 -10.34 -5.70
C3 GOL M . 2.81 -8.63 -7.41
O3 GOL M . 2.34 -8.24 -8.71
#